data_1PJC
#
_entry.id   1PJC
#
_cell.length_a   122.100
_cell.length_b   122.100
_cell.length_c   184.000
_cell.angle_alpha   90.00
_cell.angle_beta   90.00
_cell.angle_gamma   120.00
#
_symmetry.space_group_name_H-M   'H 3 2'
#
loop_
_entity.id
_entity.type
_entity.pdbx_description
1 polymer 'PROTEIN (L-ALANINE DEHYDROGENASE)'
2 non-polymer NICOTINAMIDE-ADENINE-DINUCLEOTIDE
3 water water
#
_entity_poly.entity_id   1
_entity_poly.type   'polypeptide(L)'
_entity_poly.pdbx_seq_one_letter_code
;MEIGVPKEIKNQEFRVGLSPSSVRTLVEAGHTVFIETQAGIGAGFADQDYVQAGAQVVPSAKDAWSREMVVKVKEPLPAE
YDLMQKDQLLFTYLHLAAARELTEQLMRVGLTAIAYETVELPNRSLPLLTPMSIIAGRLSVQFGARFLERQQGGRGVLLG
GVPGVKPGKVVILGGGVVGTEAAKMAVGLGAQVQIFDINVERLSYLETLFGSRVELLYSNSAEIETAVAEADLLIGAVLV
PGRRAPILVPASLVEQMRTGSVIVDVAVDQGGCVETLHPTSHTQPTYEVFGVVHYGVPNMPGAVPWTATQALNNSTLPYV
VKLANQGLKALETDDALAKGLNVQAHRLVHPAVQQVFPDLA
;
_entity_poly.pdbx_strand_id   A
#
# COMPACT_ATOMS: atom_id res chain seq x y z
N MET A 1 -9.17 -25.90 -9.67
CA MET A 1 -8.92 -26.08 -8.25
C MET A 1 -10.00 -25.35 -7.51
N GLU A 2 -10.10 -25.57 -6.20
CA GLU A 2 -11.09 -24.85 -5.39
C GLU A 2 -10.46 -23.60 -4.79
N ILE A 3 -11.08 -22.44 -5.00
CA ILE A 3 -10.55 -21.18 -4.48
C ILE A 3 -11.54 -20.53 -3.56
N GLY A 4 -11.07 -20.17 -2.37
CA GLY A 4 -11.89 -19.52 -1.38
C GLY A 4 -11.48 -18.05 -1.14
N VAL A 5 -12.48 -17.21 -0.89
CA VAL A 5 -12.26 -15.86 -0.62
C VAL A 5 -13.09 -15.44 0.58
N PRO A 6 -12.46 -15.37 1.77
CA PRO A 6 -13.19 -14.98 2.99
C PRO A 6 -13.38 -13.47 2.99
N LYS A 7 -14.33 -12.99 3.76
CA LYS A 7 -14.49 -11.56 3.90
C LYS A 7 -13.33 -11.02 4.81
N GLU A 8 -12.79 -9.84 4.49
CA GLU A 8 -11.71 -9.29 5.30
C GLU A 8 -12.30 -8.86 6.64
N ILE A 9 -11.62 -9.18 7.72
CA ILE A 9 -12.14 -8.89 9.04
C ILE A 9 -11.36 -7.81 9.74
N LYS A 10 -10.17 -7.54 9.25
CA LYS A 10 -9.40 -6.45 9.85
C LYS A 10 -10.17 -5.13 9.86
N ASN A 11 -9.90 -4.35 10.86
CA ASN A 11 -10.54 -3.09 11.06
C ASN A 11 -10.29 -2.08 9.94
N GLN A 12 -11.38 -1.58 9.34
CA GLN A 12 -11.29 -0.55 8.30
C GLN A 12 -10.81 -1.10 6.97
N GLU A 13 -10.72 -2.41 6.87
CA GLU A 13 -10.29 -3.07 5.63
C GLU A 13 -11.52 -3.43 4.80
N PHE A 14 -11.72 -2.72 3.68
CA PHE A 14 -12.88 -2.93 2.77
C PHE A 14 -12.56 -3.57 1.45
N ARG A 15 -11.30 -3.89 1.22
CA ARG A 15 -10.95 -4.52 -0.03
C ARG A 15 -11.31 -5.98 0.01
N VAL A 16 -11.18 -6.66 -1.11
CA VAL A 16 -11.53 -8.08 -1.17
C VAL A 16 -10.54 -8.82 -2.05
N GLY A 17 -10.27 -10.07 -1.73
CA GLY A 17 -9.26 -10.81 -2.46
C GLY A 17 -9.42 -10.88 -3.98
N LEU A 18 -10.64 -11.12 -4.44
CA LEU A 18 -10.92 -11.22 -5.88
C LEU A 18 -12.13 -10.40 -6.22
N SER A 19 -12.06 -9.70 -7.35
CA SER A 19 -13.17 -8.93 -7.84
C SER A 19 -13.95 -9.91 -8.71
N PRO A 20 -15.14 -9.52 -9.08
CA PRO A 20 -15.97 -10.35 -9.91
C PRO A 20 -15.33 -10.61 -11.29
N SER A 21 -14.68 -9.63 -11.89
CA SER A 21 -14.05 -9.87 -13.19
C SER A 21 -12.96 -10.94 -13.05
N SER A 22 -12.25 -10.92 -11.95
CA SER A 22 -11.20 -11.91 -11.72
C SER A 22 -11.82 -13.32 -11.61
N VAL A 23 -12.85 -13.40 -10.83
CA VAL A 23 -13.52 -14.61 -10.61
C VAL A 23 -13.93 -15.23 -11.95
N ARG A 24 -14.56 -14.42 -12.78
CA ARG A 24 -15.04 -14.86 -14.08
C ARG A 24 -13.93 -15.48 -14.87
N THR A 25 -12.82 -14.78 -14.85
CA THR A 25 -11.68 -15.24 -15.56
C THR A 25 -11.22 -16.57 -15.00
N LEU A 26 -11.28 -16.72 -13.69
CA LEU A 26 -10.83 -17.93 -13.04
C LEU A 26 -11.76 -19.11 -13.38
N VAL A 27 -13.04 -18.82 -13.36
CA VAL A 27 -14.04 -19.82 -13.66
C VAL A 27 -13.88 -20.37 -15.12
N GLU A 28 -13.57 -19.48 -16.06
CA GLU A 28 -13.33 -19.87 -17.44
C GLU A 28 -12.06 -20.69 -17.64
N ALA A 29 -11.23 -20.78 -16.61
CA ALA A 29 -9.97 -21.53 -16.67
C ALA A 29 -10.13 -22.97 -16.13
N GLY A 30 -11.30 -23.26 -15.57
CA GLY A 30 -11.60 -24.60 -15.07
C GLY A 30 -11.74 -24.65 -13.58
N HIS A 31 -11.55 -23.50 -12.93
CA HIS A 31 -11.58 -23.47 -11.49
C HIS A 31 -12.91 -23.04 -10.92
N THR A 32 -13.12 -23.34 -9.64
CA THR A 32 -14.34 -22.94 -8.97
C THR A 32 -14.04 -22.12 -7.73
N VAL A 33 -14.85 -21.11 -7.50
CA VAL A 33 -14.57 -20.17 -6.46
C VAL A 33 -15.66 -19.99 -5.45
N PHE A 34 -15.29 -19.99 -4.19
CA PHE A 34 -16.24 -19.84 -3.13
C PHE A 34 -15.96 -18.59 -2.38
N ILE A 35 -16.96 -17.75 -2.29
CA ILE A 35 -16.83 -16.48 -1.62
C ILE A 35 -17.86 -16.26 -0.52
N GLU A 36 -17.38 -15.78 0.60
CA GLU A 36 -18.24 -15.49 1.70
C GLU A 36 -19.14 -14.33 1.37
N THR A 37 -20.38 -14.48 1.75
CA THR A 37 -21.38 -13.48 1.56
C THR A 37 -20.91 -12.15 2.07
N GLN A 38 -21.18 -11.10 1.31
CA GLN A 38 -20.83 -9.75 1.74
C GLN A 38 -19.33 -9.52 1.68
N ALA A 39 -18.55 -10.49 1.24
CA ALA A 39 -17.09 -10.28 1.18
C ALA A 39 -16.73 -9.06 0.33
N GLY A 40 -17.49 -8.83 -0.75
CA GLY A 40 -17.18 -7.76 -1.69
C GLY A 40 -17.91 -6.45 -1.47
N ILE A 41 -18.85 -6.44 -0.56
CA ILE A 41 -19.64 -5.23 -0.38
C ILE A 41 -18.98 -3.85 0.03
N GLY A 42 -17.88 -3.89 0.77
CA GLY A 42 -17.21 -2.65 1.16
C GLY A 42 -16.49 -2.03 -0.06
N ALA A 43 -16.24 -2.87 -1.07
CA ALA A 43 -15.56 -2.46 -2.30
C ALA A 43 -16.52 -2.14 -3.40
N GLY A 44 -17.81 -2.30 -3.13
CA GLY A 44 -18.83 -2.03 -4.13
C GLY A 44 -19.28 -3.22 -5.00
N PHE A 45 -18.96 -4.46 -4.60
CA PHE A 45 -19.37 -5.66 -5.33
C PHE A 45 -20.40 -6.51 -4.56
N ALA A 46 -21.61 -6.59 -5.10
CA ALA A 46 -22.67 -7.38 -4.47
C ALA A 46 -22.44 -8.83 -4.73
N ASP A 47 -23.00 -9.67 -3.86
CA ASP A 47 -22.91 -11.12 -4.04
C ASP A 47 -23.44 -11.44 -5.47
N GLN A 48 -24.47 -10.72 -5.87
CA GLN A 48 -25.12 -10.88 -7.17
C GLN A 48 -24.10 -10.88 -8.28
N ASP A 49 -23.19 -9.92 -8.20
CA ASP A 49 -22.17 -9.74 -9.18
C ASP A 49 -21.26 -10.93 -9.17
N TYR A 50 -21.09 -11.52 -8.00
CA TYR A 50 -20.24 -12.69 -7.87
C TYR A 50 -20.90 -13.93 -8.45
N VAL A 51 -22.19 -14.04 -8.26
CA VAL A 51 -22.90 -15.16 -8.83
C VAL A 51 -22.91 -15.07 -10.37
N GLN A 52 -23.17 -13.89 -10.89
CA GLN A 52 -23.13 -13.71 -12.33
C GLN A 52 -21.78 -14.14 -12.90
N ALA A 53 -20.75 -14.05 -12.06
CA ALA A 53 -19.43 -14.36 -12.52
C ALA A 53 -19.11 -15.85 -12.48
N GLY A 54 -19.88 -16.59 -11.71
CA GLY A 54 -19.67 -18.03 -11.64
C GLY A 54 -19.23 -18.46 -10.26
N ALA A 55 -19.27 -17.52 -9.35
CA ALA A 55 -18.86 -17.80 -7.99
C ALA A 55 -19.95 -18.51 -7.30
N GLN A 56 -19.56 -19.33 -6.32
CA GLN A 56 -20.50 -19.93 -5.40
C GLN A 56 -20.36 -19.06 -4.17
N VAL A 57 -21.47 -18.48 -3.73
CA VAL A 57 -21.44 -17.64 -2.56
C VAL A 57 -21.71 -18.46 -1.31
N VAL A 58 -20.70 -18.54 -0.43
CA VAL A 58 -20.85 -19.29 0.82
C VAL A 58 -21.22 -18.39 2.02
N PRO A 59 -22.02 -18.95 2.92
CA PRO A 59 -22.56 -18.22 4.08
C PRO A 59 -21.60 -17.93 5.23
N SER A 60 -20.47 -18.61 5.27
CA SER A 60 -19.57 -18.45 6.38
C SER A 60 -18.10 -18.44 5.97
N ALA A 61 -17.27 -17.86 6.85
CA ALA A 61 -15.82 -17.83 6.61
C ALA A 61 -15.22 -19.23 6.61
N LYS A 62 -15.80 -20.10 7.43
CA LYS A 62 -15.33 -21.47 7.55
C LYS A 62 -15.34 -22.08 6.19
N ASP A 63 -16.46 -21.85 5.50
CA ASP A 63 -16.68 -22.38 4.15
C ASP A 63 -15.71 -21.84 3.15
N ALA A 64 -15.27 -20.60 3.38
CA ALA A 64 -14.33 -19.96 2.49
C ALA A 64 -12.90 -20.34 2.80
N TRP A 65 -12.60 -20.52 4.10
CA TRP A 65 -11.26 -20.89 4.51
C TRP A 65 -10.88 -22.34 4.26
N SER A 66 -11.91 -23.16 4.05
CA SER A 66 -11.75 -24.60 3.86
C SER A 66 -11.24 -25.04 2.49
N ARG A 67 -10.83 -24.10 1.67
CA ARG A 67 -10.39 -24.44 0.33
C ARG A 67 -8.92 -24.65 0.20
N GLU A 68 -8.53 -25.28 -0.92
CA GLU A 68 -7.14 -25.61 -1.18
C GLU A 68 -6.31 -24.40 -1.37
N MET A 69 -6.97 -23.31 -1.74
CA MET A 69 -6.29 -22.02 -1.94
C MET A 69 -7.16 -20.95 -1.37
N VAL A 70 -6.59 -20.08 -0.58
CA VAL A 70 -7.36 -18.99 -0.07
C VAL A 70 -6.70 -17.70 -0.58
N VAL A 71 -7.49 -16.76 -1.10
CA VAL A 71 -6.94 -15.50 -1.62
C VAL A 71 -7.57 -14.37 -0.88
N LYS A 72 -6.71 -13.59 -0.19
CA LYS A 72 -7.12 -12.46 0.66
C LYS A 72 -6.28 -11.22 0.38
N VAL A 73 -6.59 -10.16 1.12
CA VAL A 73 -5.86 -8.89 1.01
C VAL A 73 -4.86 -8.76 2.20
N LYS A 74 -5.37 -8.86 3.42
CA LYS A 74 -4.57 -8.72 4.65
C LYS A 74 -4.18 -10.05 5.26
N GLU A 75 -3.31 -10.00 6.25
CA GLU A 75 -2.85 -11.20 6.92
C GLU A 75 -3.95 -11.81 7.80
N PRO A 76 -3.86 -13.11 8.03
CA PRO A 76 -4.85 -13.80 8.88
C PRO A 76 -4.78 -13.25 10.32
N LEU A 77 -5.91 -13.13 10.99
CA LEU A 77 -5.91 -12.66 12.36
C LEU A 77 -6.16 -13.84 13.29
N PRO A 78 -5.84 -13.66 14.56
CA PRO A 78 -6.04 -14.70 15.56
C PRO A 78 -7.45 -15.33 15.48
N ALA A 79 -8.47 -14.48 15.29
CA ALA A 79 -9.87 -14.95 15.13
C ALA A 79 -10.06 -15.97 14.03
N GLU A 80 -9.08 -16.07 13.13
CA GLU A 80 -9.16 -17.03 12.00
C GLU A 80 -8.11 -18.12 12.08
N TYR A 81 -7.30 -18.12 13.12
CA TYR A 81 -6.25 -19.11 13.21
C TYR A 81 -6.78 -20.55 13.13
N ASP A 82 -7.94 -20.77 13.74
CA ASP A 82 -8.56 -22.08 13.75
C ASP A 82 -9.16 -22.52 12.43
N LEU A 83 -9.35 -21.55 11.52
CA LEU A 83 -9.94 -21.82 10.19
C LEU A 83 -8.92 -22.36 9.18
N MET A 84 -7.66 -22.08 9.42
CA MET A 84 -6.60 -22.51 8.53
C MET A 84 -6.49 -24.05 8.49
N GLN A 85 -5.96 -24.57 7.37
CA GLN A 85 -5.78 -26.02 7.10
C GLN A 85 -4.33 -26.40 6.73
N LYS A 86 -3.96 -27.63 7.06
CA LYS A 86 -2.61 -28.11 6.84
C LYS A 86 -2.04 -27.93 5.46
N ASP A 87 -2.79 -28.29 4.43
CA ASP A 87 -2.21 -28.20 3.11
C ASP A 87 -2.64 -27.07 2.16
N GLN A 88 -3.23 -26.02 2.73
CA GLN A 88 -3.67 -24.87 1.93
C GLN A 88 -2.55 -24.16 1.28
N LEU A 89 -2.95 -23.30 0.35
CA LEU A 89 -2.10 -22.35 -0.28
C LEU A 89 -2.71 -21.06 0.21
N LEU A 90 -1.90 -20.23 0.81
CA LEU A 90 -2.41 -18.95 1.27
C LEU A 90 -1.61 -17.89 0.53
N PHE A 91 -2.35 -17.01 -0.14
CA PHE A 91 -1.77 -15.92 -0.98
C PHE A 91 -2.39 -14.56 -0.54
N THR A 92 -1.59 -13.71 0.10
CA THR A 92 -2.10 -12.45 0.63
C THR A 92 -0.91 -11.65 1.12
N TYR A 93 -1.15 -10.43 1.60
CA TYR A 93 -0.07 -9.62 2.17
C TYR A 93 0.16 -10.21 3.57
N LEU A 94 1.40 -10.51 3.93
CA LEU A 94 1.67 -11.10 5.25
C LEU A 94 2.46 -10.20 6.24
N HIS A 95 3.55 -9.62 5.76
CA HIS A 95 4.39 -8.75 6.61
C HIS A 95 4.83 -9.56 7.86
N LEU A 96 5.37 -10.75 7.61
CA LEU A 96 5.77 -11.66 8.68
C LEU A 96 6.86 -11.13 9.61
N ALA A 97 7.80 -10.37 9.06
CA ALA A 97 8.91 -9.86 9.87
C ALA A 97 8.43 -8.95 10.96
N ALA A 98 7.11 -8.75 11.00
CA ALA A 98 6.51 -7.90 12.01
C ALA A 98 5.47 -8.68 12.88
N ALA A 99 5.26 -9.96 12.57
CA ALA A 99 4.29 -10.79 13.28
C ALA A 99 4.86 -12.17 13.63
N ARG A 100 5.51 -12.24 14.77
CA ARG A 100 6.11 -13.47 15.18
C ARG A 100 5.03 -14.50 15.42
N GLU A 101 4.03 -14.15 16.23
CA GLU A 101 2.95 -15.09 16.53
C GLU A 101 2.36 -15.61 15.27
N LEU A 102 2.09 -14.70 14.34
CA LEU A 102 1.54 -15.12 13.08
C LEU A 102 2.50 -16.07 12.41
N THR A 103 3.78 -15.68 12.32
CA THR A 103 4.78 -16.54 11.71
C THR A 103 4.78 -17.95 12.37
N GLU A 104 4.73 -18.01 13.68
CA GLU A 104 4.71 -19.33 14.33
C GLU A 104 3.46 -20.13 13.97
N GLN A 105 2.31 -19.45 13.96
CA GLN A 105 1.02 -20.06 13.61
C GLN A 105 1.05 -20.79 12.25
N LEU A 106 1.52 -20.09 11.23
CA LEU A 106 1.57 -20.65 9.90
C LEU A 106 2.49 -21.84 9.97
N MET A 107 3.54 -21.68 10.77
CA MET A 107 4.52 -22.73 10.93
C MET A 107 3.89 -23.99 11.50
N ARG A 108 3.15 -23.85 12.62
CA ARG A 108 2.46 -25.00 13.22
C ARG A 108 1.60 -25.69 12.21
N VAL A 109 0.63 -24.93 11.71
CA VAL A 109 -0.36 -25.43 10.77
C VAL A 109 0.20 -26.26 9.62
N GLY A 110 1.34 -25.85 9.09
CA GLY A 110 1.99 -26.60 8.01
C GLY A 110 1.59 -26.24 6.55
N LEU A 111 0.81 -25.17 6.34
CA LEU A 111 0.46 -24.74 4.96
C LEU A 111 1.61 -24.10 4.24
N THR A 112 1.37 -23.63 3.04
CA THR A 112 2.38 -22.88 2.35
C THR A 112 1.80 -21.50 2.18
N ALA A 113 2.58 -20.51 2.56
CA ALA A 113 2.14 -19.14 2.54
C ALA A 113 2.99 -18.34 1.62
N ILE A 114 2.32 -17.67 0.70
CA ILE A 114 2.96 -16.82 -0.27
C ILE A 114 2.51 -15.35 -0.02
N ALA A 115 3.49 -14.46 0.13
CA ALA A 115 3.23 -13.07 0.47
C ALA A 115 3.27 -12.21 -0.77
N TYR A 116 2.25 -11.41 -0.97
CA TYR A 116 2.25 -10.54 -2.15
C TYR A 116 3.52 -9.69 -2.19
N GLU A 117 3.88 -9.17 -1.04
CA GLU A 117 4.96 -8.23 -0.97
C GLU A 117 6.39 -8.78 -1.16
N THR A 118 6.52 -10.11 -1.25
CA THR A 118 7.85 -10.69 -1.48
C THR A 118 8.00 -11.27 -2.88
N VAL A 119 6.89 -11.38 -3.60
CA VAL A 119 6.96 -11.75 -5.00
C VAL A 119 7.81 -10.61 -5.67
N GLU A 120 8.95 -11.00 -6.24
CA GLU A 120 9.89 -10.04 -6.75
C GLU A 120 10.49 -10.42 -8.06
N LEU A 121 10.65 -9.43 -8.92
CA LEU A 121 11.23 -9.68 -10.23
C LEU A 121 12.77 -9.57 -10.19
N PRO A 122 13.44 -10.04 -11.25
CA PRO A 122 14.92 -9.95 -11.34
C PRO A 122 15.25 -8.47 -11.26
N ASN A 123 14.33 -7.70 -11.83
CA ASN A 123 14.29 -6.26 -11.79
C ASN A 123 14.56 -5.78 -10.36
N ARG A 124 14.30 -6.68 -9.41
CA ARG A 124 14.35 -6.41 -7.96
C ARG A 124 13.09 -5.61 -7.54
N SER A 125 12.19 -5.46 -8.51
CA SER A 125 10.94 -4.79 -8.32
C SER A 125 9.92 -5.75 -7.69
N LEU A 126 9.01 -5.17 -6.91
CA LEU A 126 7.96 -5.93 -6.24
C LEU A 126 6.63 -5.61 -6.90
N PRO A 127 6.35 -6.32 -7.97
CA PRO A 127 5.16 -6.05 -8.78
C PRO A 127 3.86 -5.92 -8.04
N LEU A 128 3.74 -6.56 -6.88
CA LEU A 128 2.45 -6.49 -6.19
C LEU A 128 2.25 -5.43 -5.12
N LEU A 129 3.22 -4.55 -5.01
CA LEU A 129 3.16 -3.42 -4.12
C LEU A 129 2.95 -2.15 -4.92
N THR A 130 3.54 -2.10 -6.11
CA THR A 130 3.43 -0.90 -6.93
C THR A 130 2.06 -0.30 -7.05
N PRO A 131 1.07 -1.12 -7.35
CA PRO A 131 -0.26 -0.61 -7.52
C PRO A 131 -0.64 0.19 -6.29
N MET A 132 -0.19 -0.25 -5.11
CA MET A 132 -0.53 0.45 -3.89
C MET A 132 0.24 1.73 -3.73
N SER A 133 1.46 1.75 -4.23
CA SER A 133 2.25 2.99 -4.17
C SER A 133 1.65 4.03 -5.08
N ILE A 134 1.21 3.63 -6.27
CA ILE A 134 0.57 4.59 -7.17
C ILE A 134 -0.61 5.25 -6.50
N ILE A 135 -1.48 4.45 -5.89
CA ILE A 135 -2.67 4.97 -5.22
C ILE A 135 -2.38 5.90 -4.05
N ALA A 136 -1.40 5.52 -3.23
CA ALA A 136 -1.02 6.33 -2.09
C ALA A 136 -0.51 7.70 -2.56
N GLY A 137 0.28 7.72 -3.63
CA GLY A 137 0.82 8.96 -4.16
C GLY A 137 -0.34 9.87 -4.54
N ARG A 138 -1.30 9.33 -5.28
CA ARG A 138 -2.45 10.13 -5.71
C ARG A 138 -3.31 10.62 -4.58
N LEU A 139 -3.48 9.79 -3.54
CA LEU A 139 -4.30 10.17 -2.41
C LEU A 139 -3.70 11.20 -1.56
N SER A 140 -2.38 11.19 -1.47
CA SER A 140 -1.68 12.16 -0.59
C SER A 140 -2.09 13.59 -0.83
N VAL A 141 -2.25 13.95 -2.09
CA VAL A 141 -2.61 15.29 -2.45
C VAL A 141 -4.06 15.59 -2.12
N GLN A 142 -4.88 14.62 -2.36
CA GLN A 142 -6.30 14.69 -2.06
C GLN A 142 -6.52 14.90 -0.56
N PHE A 143 -5.82 14.14 0.26
CA PHE A 143 -5.92 14.29 1.70
C PHE A 143 -5.34 15.65 2.11
N GLY A 144 -4.23 15.99 1.50
CA GLY A 144 -3.56 17.25 1.84
C GLY A 144 -4.43 18.47 1.58
N ALA A 145 -5.20 18.45 0.48
CA ALA A 145 -6.05 19.56 0.13
C ALA A 145 -7.15 19.74 1.17
N ARG A 146 -7.67 18.61 1.62
CA ARG A 146 -8.71 18.60 2.64
C ARG A 146 -8.25 19.20 3.96
N PHE A 147 -7.04 18.88 4.34
CA PHE A 147 -6.52 19.38 5.59
C PHE A 147 -6.00 20.79 5.60
N LEU A 148 -5.89 21.35 4.41
CA LEU A 148 -5.52 22.74 4.26
C LEU A 148 -6.80 23.63 4.38
N GLU A 149 -7.98 22.98 4.41
CA GLU A 149 -9.26 23.69 4.60
C GLU A 149 -9.33 24.15 6.07
N ARG A 150 -9.84 25.36 6.29
CA ARG A 150 -9.92 25.92 7.62
C ARG A 150 -10.66 25.03 8.62
N GLN A 151 -11.85 24.59 8.27
CA GLN A 151 -12.63 23.74 9.18
C GLN A 151 -11.90 22.45 9.56
N GLN A 152 -10.96 22.01 8.72
CA GLN A 152 -10.22 20.76 8.93
C GLN A 152 -8.96 20.98 9.73
N GLY A 153 -8.69 22.25 10.05
CA GLY A 153 -7.56 22.64 10.84
C GLY A 153 -6.44 23.39 10.13
N GLY A 154 -6.46 23.46 8.81
CA GLY A 154 -5.38 24.08 8.05
C GLY A 154 -5.49 25.56 7.92
N ARG A 155 -4.56 26.15 7.19
CA ARG A 155 -4.53 27.61 6.99
C ARG A 155 -5.69 28.19 6.17
N GLY A 156 -6.35 27.37 5.33
CA GLY A 156 -7.47 27.85 4.48
C GLY A 156 -6.93 28.33 3.14
N VAL A 157 -6.14 27.46 2.52
CA VAL A 157 -5.48 27.76 1.24
C VAL A 157 -6.02 26.82 0.17
N LEU A 158 -6.37 27.37 -0.99
CA LEU A 158 -6.83 26.59 -2.12
C LEU A 158 -5.56 26.30 -2.93
N LEU A 159 -5.27 25.02 -3.21
CA LEU A 159 -4.01 24.68 -3.89
C LEU A 159 -3.74 25.43 -5.20
N GLY A 160 -4.78 25.53 -6.04
CA GLY A 160 -4.68 26.19 -7.34
C GLY A 160 -4.75 27.71 -7.28
N GLY A 161 -5.17 28.28 -6.14
CA GLY A 161 -5.32 29.73 -6.00
C GLY A 161 -6.43 30.19 -7.00
N VAL A 162 -6.38 31.44 -7.43
CA VAL A 162 -7.29 31.97 -8.49
C VAL A 162 -6.45 33.06 -9.13
N PRO A 163 -6.72 33.33 -10.38
CA PRO A 163 -5.93 34.33 -11.05
C PRO A 163 -5.90 35.60 -10.20
N GLY A 164 -4.69 36.06 -9.89
CA GLY A 164 -4.51 37.24 -9.04
C GLY A 164 -3.99 36.84 -7.64
N VAL A 165 -4.18 35.60 -7.29
CA VAL A 165 -3.80 35.16 -5.97
C VAL A 165 -2.83 33.99 -6.06
N LYS A 166 -1.83 33.99 -5.18
CA LYS A 166 -0.77 32.92 -5.15
C LYS A 166 -1.37 31.52 -5.00
N PRO A 167 -0.87 30.56 -5.76
CA PRO A 167 -1.30 29.19 -5.58
C PRO A 167 -0.58 28.61 -4.34
N GLY A 168 -1.03 27.46 -3.89
CA GLY A 168 -0.44 26.78 -2.76
C GLY A 168 0.92 26.21 -3.22
N LYS A 169 1.81 26.00 -2.28
CA LYS A 169 3.11 25.45 -2.58
C LYS A 169 3.24 24.05 -2.00
N VAL A 170 3.52 23.09 -2.86
CA VAL A 170 3.64 21.72 -2.49
C VAL A 170 5.08 21.28 -2.64
N VAL A 171 5.64 20.67 -1.60
CA VAL A 171 7.00 20.21 -1.62
C VAL A 171 6.97 18.70 -1.43
N ILE A 172 7.61 17.99 -2.35
CA ILE A 172 7.63 16.55 -2.35
C ILE A 172 9.06 16.05 -2.14
N LEU A 173 9.25 15.30 -1.08
CA LEU A 173 10.55 14.76 -0.79
C LEU A 173 10.56 13.32 -1.26
N GLY A 174 11.26 13.07 -2.37
CA GLY A 174 11.34 11.75 -2.98
C GLY A 174 10.58 11.82 -4.31
N GLY A 175 11.25 11.47 -5.41
CA GLY A 175 10.63 11.51 -6.76
C GLY A 175 10.43 10.15 -7.39
N GLY A 176 10.17 9.15 -6.55
CA GLY A 176 9.96 7.81 -7.01
C GLY A 176 8.49 7.66 -7.38
N VAL A 177 8.00 6.42 -7.40
CA VAL A 177 6.60 6.14 -7.75
C VAL A 177 5.56 7.01 -6.96
N VAL A 178 5.65 7.01 -5.66
CA VAL A 178 4.74 7.77 -4.85
C VAL A 178 4.88 9.25 -5.12
N GLY A 179 6.12 9.74 -5.12
CA GLY A 179 6.36 11.18 -5.25
C GLY A 179 5.95 11.66 -6.61
N THR A 180 6.14 10.83 -7.59
CA THR A 180 5.75 11.18 -8.94
C THR A 180 4.20 11.29 -9.12
N GLU A 181 3.45 10.34 -8.55
CA GLU A 181 1.98 10.37 -8.62
C GLU A 181 1.43 11.54 -7.85
N ALA A 182 2.05 11.85 -6.72
CA ALA A 182 1.64 13.01 -5.94
C ALA A 182 1.81 14.29 -6.79
N ALA A 183 2.97 14.44 -7.45
CA ALA A 183 3.24 15.61 -8.29
C ALA A 183 2.19 15.77 -9.41
N LYS A 184 1.79 14.64 -10.00
CA LYS A 184 0.79 14.65 -11.04
C LYS A 184 -0.49 15.30 -10.53
N MET A 185 -0.92 14.93 -9.33
CA MET A 185 -2.16 15.48 -8.77
C MET A 185 -2.04 16.91 -8.38
N ALA A 186 -0.92 17.29 -7.80
CA ALA A 186 -0.74 18.63 -7.35
C ALA A 186 -0.72 19.55 -8.51
N VAL A 187 -0.09 19.12 -9.56
CA VAL A 187 -0.03 19.93 -10.73
C VAL A 187 -1.45 20.07 -11.32
N GLY A 188 -2.19 18.98 -11.30
CA GLY A 188 -3.55 18.99 -11.80
C GLY A 188 -4.47 19.97 -11.04
N LEU A 189 -4.27 20.13 -9.73
CA LEU A 189 -5.03 21.09 -8.94
C LEU A 189 -4.51 22.54 -9.10
N GLY A 190 -3.37 22.74 -9.79
CA GLY A 190 -2.84 24.10 -10.04
C GLY A 190 -1.74 24.58 -9.08
N ALA A 191 -1.25 23.72 -8.22
CA ALA A 191 -0.28 24.15 -7.23
C ALA A 191 1.11 24.44 -7.83
N GLN A 192 1.96 25.14 -7.07
CA GLN A 192 3.39 25.31 -7.44
C GLN A 192 4.07 24.13 -6.80
N VAL A 193 4.83 23.38 -7.60
CA VAL A 193 5.40 22.13 -7.12
C VAL A 193 6.92 22.00 -7.24
N GLN A 194 7.52 21.50 -6.15
CA GLN A 194 8.94 21.18 -6.09
C GLN A 194 9.13 19.73 -5.70
N ILE A 195 10.00 19.02 -6.40
CA ILE A 195 10.29 17.64 -6.03
C ILE A 195 11.78 17.56 -5.73
N PHE A 196 12.13 16.90 -4.65
CA PHE A 196 13.54 16.69 -4.32
C PHE A 196 13.85 15.25 -4.48
N ASP A 197 15.02 14.94 -5.01
CA ASP A 197 15.49 13.57 -5.02
C ASP A 197 17.00 13.57 -5.03
N ILE A 198 17.61 12.46 -4.61
CA ILE A 198 19.08 12.40 -4.59
C ILE A 198 19.59 11.76 -5.86
N ASN A 199 18.69 11.21 -6.64
CA ASN A 199 19.09 10.54 -7.87
C ASN A 199 18.90 11.44 -9.07
N VAL A 200 19.97 11.94 -9.61
CA VAL A 200 19.83 12.87 -10.70
C VAL A 200 19.20 12.29 -11.97
N GLU A 201 19.48 11.04 -12.23
CA GLU A 201 18.97 10.41 -13.37
C GLU A 201 17.44 10.28 -13.22
N ARG A 202 16.96 10.08 -12.01
CA ARG A 202 15.53 10.04 -11.78
C ARG A 202 14.97 11.46 -12.10
N LEU A 203 15.68 12.51 -11.61
CA LEU A 203 15.30 13.94 -11.86
C LEU A 203 15.23 14.21 -13.36
N SER A 204 16.24 13.73 -14.10
CA SER A 204 16.22 13.89 -15.54
C SER A 204 14.95 13.23 -16.19
N TYR A 205 14.61 12.06 -15.72
CA TYR A 205 13.49 11.35 -16.24
C TYR A 205 12.20 12.12 -15.92
N LEU A 206 12.12 12.68 -14.74
CA LEU A 206 10.92 13.41 -14.39
C LEU A 206 10.70 14.60 -15.28
N GLU A 207 11.79 15.17 -15.79
CA GLU A 207 11.68 16.30 -16.67
C GLU A 207 11.01 15.89 -17.94
N THR A 208 11.19 14.63 -18.32
CA THR A 208 10.52 14.17 -19.53
C THR A 208 8.98 14.07 -19.28
N LEU A 209 8.59 13.90 -18.05
CA LEU A 209 7.18 13.82 -17.75
C LEU A 209 6.56 15.16 -17.55
N PHE A 210 7.22 16.05 -16.82
CA PHE A 210 6.61 17.36 -16.47
C PHE A 210 7.09 18.56 -17.21
N GLY A 211 8.19 18.43 -17.94
CA GLY A 211 8.75 19.60 -18.58
C GLY A 211 9.20 20.61 -17.47
N SER A 212 9.03 21.89 -17.74
CA SER A 212 9.43 22.96 -16.82
C SER A 212 8.28 23.40 -15.83
N ARG A 213 7.21 22.61 -15.74
CA ARG A 213 6.07 22.95 -14.92
C ARG A 213 6.34 22.68 -13.46
N VAL A 214 7.25 21.77 -13.18
CA VAL A 214 7.59 21.41 -11.81
C VAL A 214 9.03 21.79 -11.57
N GLU A 215 9.38 22.20 -10.36
CA GLU A 215 10.80 22.46 -10.05
C GLU A 215 11.43 21.14 -9.58
N LEU A 216 12.51 20.74 -10.24
CA LEU A 216 13.19 19.47 -9.97
C LEU A 216 14.53 19.78 -9.29
N LEU A 217 14.63 19.44 -8.01
CA LEU A 217 15.72 19.85 -7.18
C LEU A 217 16.47 18.71 -6.51
N TYR A 218 17.79 18.86 -6.48
CA TYR A 218 18.68 17.89 -5.84
C TYR A 218 18.55 17.95 -4.33
N SER A 219 18.44 16.79 -3.72
CA SER A 219 18.18 16.71 -2.31
C SER A 219 19.38 17.02 -1.43
N ASN A 220 19.46 18.24 -0.96
CA ASN A 220 20.51 18.62 -0.04
C ASN A 220 19.89 19.47 1.05
N SER A 221 20.43 19.30 2.26
CA SER A 221 19.87 19.93 3.45
C SER A 221 19.62 21.43 3.30
N ALA A 222 20.55 22.13 2.71
CA ALA A 222 20.41 23.53 2.50
C ALA A 222 19.13 23.93 1.74
N GLU A 223 18.87 23.32 0.59
CA GLU A 223 17.70 23.67 -0.22
C GLU A 223 16.46 23.13 0.44
N ILE A 224 16.56 21.97 1.05
CA ILE A 224 15.42 21.42 1.74
C ILE A 224 14.89 22.39 2.79
N GLU A 225 15.79 22.91 3.60
CA GLU A 225 15.42 23.85 4.63
C GLU A 225 14.63 25.02 4.10
N THR A 226 15.10 25.62 3.04
CA THR A 226 14.41 26.79 2.49
C THR A 226 13.05 26.44 1.93
N ALA A 227 13.00 25.36 1.19
CA ALA A 227 11.79 25.00 0.56
C ALA A 227 10.74 24.64 1.57
N VAL A 228 11.12 23.87 2.56
CA VAL A 228 10.15 23.42 3.52
C VAL A 228 9.52 24.52 4.31
N ALA A 229 10.30 25.55 4.57
CA ALA A 229 9.80 26.66 5.34
C ALA A 229 8.67 27.41 4.64
N GLU A 230 8.69 27.39 3.31
CA GLU A 230 7.68 28.07 2.48
C GLU A 230 6.47 27.17 2.06
N ALA A 231 6.46 25.91 2.49
CA ALA A 231 5.43 24.98 2.00
C ALA A 231 4.13 25.08 2.68
N ASP A 232 3.07 24.86 1.91
CA ASP A 232 1.74 24.79 2.47
C ASP A 232 1.48 23.32 2.71
N LEU A 233 2.02 22.45 1.83
CA LEU A 233 1.78 21.03 1.88
C LEU A 233 3.09 20.31 1.67
N LEU A 234 3.48 19.51 2.65
CA LEU A 234 4.71 18.77 2.57
C LEU A 234 4.37 17.30 2.48
N ILE A 235 4.89 16.64 1.46
CA ILE A 235 4.62 15.21 1.28
C ILE A 235 5.92 14.41 1.37
N GLY A 236 5.97 13.47 2.31
CA GLY A 236 7.14 12.61 2.48
C GLY A 236 6.92 11.34 1.65
N ALA A 237 7.84 11.07 0.73
CA ALA A 237 7.73 9.93 -0.22
C ALA A 237 9.10 9.27 -0.49
N VAL A 238 9.94 9.27 0.54
CA VAL A 238 11.30 8.72 0.48
C VAL A 238 11.39 7.23 0.85
N LEU A 239 12.22 6.51 0.13
CA LEU A 239 12.45 5.11 0.41
C LEU A 239 13.91 4.82 0.16
N VAL A 240 14.51 4.06 1.07
CA VAL A 240 15.92 3.67 0.97
C VAL A 240 15.95 2.19 1.29
N PRO A 241 16.53 1.39 0.39
CA PRO A 241 16.55 -0.08 0.53
C PRO A 241 17.13 -0.72 1.84
N GLY A 242 18.40 -0.51 2.11
CA GLY A 242 19.01 -1.14 3.26
C GLY A 242 18.62 -0.58 4.63
N ARG A 243 17.37 -0.11 4.83
CA ARG A 243 17.05 0.45 6.14
C ARG A 243 15.76 1.20 6.28
N ARG A 244 15.71 2.01 7.32
CA ARG A 244 14.62 2.90 7.62
C ARG A 244 14.91 4.23 6.98
N ALA A 245 13.91 5.10 6.93
CA ALA A 245 14.09 6.38 6.32
C ALA A 245 14.81 7.41 7.15
N PRO A 246 15.51 8.24 6.40
CA PRO A 246 16.29 9.34 6.85
C PRO A 246 15.35 10.41 7.25
N ILE A 247 15.73 11.14 8.29
CA ILE A 247 14.92 12.23 8.76
C ILE A 247 15.45 13.42 8.03
N LEU A 248 14.71 13.82 7.02
CA LEU A 248 15.12 14.91 6.19
C LEU A 248 14.53 16.12 6.80
N VAL A 249 13.56 15.94 7.68
CA VAL A 249 12.88 17.08 8.28
C VAL A 249 12.85 16.95 9.82
N PRO A 250 13.82 17.59 10.47
CA PRO A 250 13.90 17.61 11.91
C PRO A 250 12.84 18.55 12.55
N ALA A 251 12.51 18.28 13.78
CA ALA A 251 11.52 19.06 14.44
C ALA A 251 11.83 20.54 14.35
N SER A 252 13.11 20.86 14.27
CA SER A 252 13.51 22.26 14.22
C SER A 252 13.04 22.91 12.91
N LEU A 253 13.02 22.12 11.84
CA LEU A 253 12.59 22.61 10.57
C LEU A 253 11.09 22.76 10.61
N VAL A 254 10.43 21.78 11.21
CA VAL A 254 8.98 21.82 11.34
C VAL A 254 8.52 23.05 12.06
N GLU A 255 9.28 23.44 13.05
CA GLU A 255 8.98 24.60 13.86
C GLU A 255 8.99 25.88 13.01
N GLN A 256 9.71 25.84 11.90
CA GLN A 256 9.85 27.02 11.06
C GLN A 256 8.74 27.12 10.00
N MET A 257 7.88 26.12 9.93
CA MET A 257 6.80 26.13 8.96
C MET A 257 5.63 27.01 9.37
N ARG A 258 4.84 27.42 8.39
CA ARG A 258 3.69 28.27 8.62
C ARG A 258 2.60 27.55 9.37
N THR A 259 1.90 28.28 10.23
CA THR A 259 0.82 27.68 11.00
C THR A 259 -0.35 27.31 10.06
N GLY A 260 -0.83 26.08 10.17
CA GLY A 260 -1.92 25.66 9.36
C GLY A 260 -1.41 24.98 8.13
N SER A 261 -0.10 24.81 8.04
CA SER A 261 0.45 24.10 6.91
C SER A 261 0.32 22.60 7.22
N VAL A 262 0.41 21.74 6.22
CA VAL A 262 0.22 20.34 6.45
C VAL A 262 1.30 19.38 5.96
N ILE A 263 1.50 18.33 6.72
CA ILE A 263 2.48 17.31 6.36
C ILE A 263 1.81 15.97 6.21
N VAL A 264 2.07 15.33 5.08
CA VAL A 264 1.54 14.02 4.81
C VAL A 264 2.77 13.18 4.50
N ASP A 265 3.09 12.27 5.38
CA ASP A 265 4.27 11.45 5.17
C ASP A 265 3.84 10.11 4.81
N VAL A 266 3.93 9.80 3.53
CA VAL A 266 3.54 8.50 3.01
C VAL A 266 4.50 7.38 3.44
N ALA A 267 5.71 7.77 3.82
CA ALA A 267 6.74 6.86 4.27
C ALA A 267 6.54 6.35 5.70
N VAL A 268 5.30 6.29 6.18
CA VAL A 268 5.06 5.89 7.55
C VAL A 268 5.67 4.60 8.13
N ASP A 269 5.74 3.50 7.38
CA ASP A 269 6.35 2.29 7.95
C ASP A 269 7.70 2.05 7.43
N GLN A 270 8.65 2.49 8.24
CA GLN A 270 10.06 2.48 7.93
C GLN A 270 10.49 3.72 8.64
N GLY A 271 9.50 4.36 9.29
CA GLY A 271 9.74 5.56 10.12
C GLY A 271 9.16 6.91 9.67
N GLY A 272 9.45 7.31 8.44
CA GLY A 272 9.05 8.61 7.96
C GLY A 272 10.33 9.41 7.86
N CYS A 273 10.30 10.47 7.10
CA CYS A 273 11.51 11.27 6.93
C CYS A 273 11.26 12.53 7.74
N VAL A 274 10.11 12.54 8.43
CA VAL A 274 9.77 13.67 9.27
C VAL A 274 9.82 13.27 10.72
N GLU A 275 10.65 14.00 11.46
CA GLU A 275 10.87 13.72 12.85
C GLU A 275 9.65 13.67 13.76
N THR A 276 8.77 14.66 13.61
CA THR A 276 7.56 14.80 14.47
C THR A 276 6.34 13.96 14.06
N LEU A 277 6.52 13.15 13.03
CA LEU A 277 5.44 12.33 12.54
C LEU A 277 5.39 10.94 13.17
N HIS A 278 4.18 10.51 13.55
CA HIS A 278 3.91 9.14 14.04
C HIS A 278 2.57 8.72 13.48
N PRO A 279 2.30 7.42 13.47
CA PRO A 279 1.06 6.93 12.91
C PRO A 279 -0.13 7.45 13.67
N THR A 280 -1.23 7.61 12.96
CA THR A 280 -2.43 8.14 13.55
C THR A 280 -3.58 7.20 13.35
N SER A 281 -4.66 7.51 14.06
CA SER A 281 -5.89 6.74 14.02
C SER A 281 -6.78 7.14 12.84
N HIS A 282 -8.05 6.79 12.93
CA HIS A 282 -9.00 7.17 11.92
C HIS A 282 -10.08 8.02 12.62
N THR A 283 -10.31 7.72 13.88
CA THR A 283 -11.21 8.51 14.71
C THR A 283 -10.40 9.78 15.11
N GLN A 284 -9.21 9.90 14.55
CA GLN A 284 -8.33 11.01 14.77
C GLN A 284 -7.14 10.88 13.81
N PRO A 285 -7.38 11.21 12.55
CA PRO A 285 -6.35 11.06 11.53
C PRO A 285 -5.19 12.05 11.62
N THR A 286 -5.37 13.14 12.35
CA THR A 286 -4.32 14.11 12.39
C THR A 286 -4.09 14.65 13.78
N TYR A 287 -2.97 15.36 13.93
CA TYR A 287 -2.62 16.05 15.18
C TYR A 287 -1.73 17.22 14.79
N GLU A 288 -1.53 18.15 15.71
CA GLU A 288 -0.73 19.32 15.47
C GLU A 288 0.49 19.37 16.32
N VAL A 289 1.56 19.88 15.73
CA VAL A 289 2.80 20.10 16.44
C VAL A 289 3.27 21.40 15.85
N PHE A 290 3.34 22.45 16.67
CA PHE A 290 3.77 23.79 16.20
C PHE A 290 2.71 24.48 15.27
N GLY A 291 1.46 24.04 15.35
CA GLY A 291 0.40 24.61 14.54
C GLY A 291 0.36 24.00 13.16
N VAL A 292 1.17 22.97 12.97
CA VAL A 292 1.29 22.28 11.69
C VAL A 292 0.57 20.97 11.79
N VAL A 293 -0.32 20.72 10.86
CA VAL A 293 -1.14 19.53 10.86
C VAL A 293 -0.40 18.32 10.38
N HIS A 294 -0.46 17.24 11.15
CA HIS A 294 0.20 16.00 10.80
C HIS A 294 -0.78 14.93 10.52
N TYR A 295 -0.54 14.22 9.42
CA TYR A 295 -1.37 13.10 8.94
C TYR A 295 -0.44 11.86 8.78
N GLY A 296 -0.73 10.83 9.57
CA GLY A 296 0.10 9.63 9.59
C GLY A 296 -0.67 8.32 9.53
N VAL A 297 -1.93 8.39 9.06
CA VAL A 297 -2.76 7.20 8.87
C VAL A 297 -2.12 6.34 7.70
N PRO A 298 -1.91 5.03 7.95
CA PRO A 298 -1.27 4.14 6.94
C PRO A 298 -2.29 3.43 6.10
N ASN A 299 -1.78 2.60 5.21
CA ASN A 299 -2.65 1.93 4.25
C ASN A 299 -3.62 2.92 3.67
N MET A 300 -3.09 3.96 3.09
CA MET A 300 -3.90 4.98 2.49
C MET A 300 -4.84 4.40 1.46
N PRO A 301 -4.37 3.46 0.64
CA PRO A 301 -5.22 2.89 -0.40
C PRO A 301 -6.56 2.32 0.09
N GLY A 302 -6.69 2.11 1.40
CA GLY A 302 -7.94 1.54 1.93
C GLY A 302 -9.15 2.49 1.81
N ALA A 303 -8.88 3.77 1.52
CA ALA A 303 -9.93 4.79 1.40
C ALA A 303 -10.68 4.64 0.07
N VAL A 304 -10.05 3.96 -0.90
CA VAL A 304 -10.71 3.74 -2.19
C VAL A 304 -10.74 2.24 -2.57
N PRO A 305 -11.46 1.45 -1.78
CA PRO A 305 -11.47 0.02 -1.98
C PRO A 305 -11.91 -0.44 -3.35
N TRP A 306 -12.80 0.32 -3.99
CA TRP A 306 -13.28 -0.11 -5.29
C TRP A 306 -12.13 -0.03 -6.30
N THR A 307 -11.50 1.14 -6.34
CA THR A 307 -10.35 1.30 -7.21
C THR A 307 -9.18 0.35 -6.78
N ALA A 308 -8.88 0.32 -5.48
CA ALA A 308 -7.76 -0.48 -4.97
C ALA A 308 -7.87 -1.98 -5.17
N THR A 309 -9.09 -2.52 -5.05
CA THR A 309 -9.30 -3.97 -5.29
C THR A 309 -8.94 -4.36 -6.74
N GLN A 310 -9.43 -3.60 -7.70
CA GLN A 310 -9.13 -3.88 -9.08
C GLN A 310 -7.68 -3.72 -9.43
N ALA A 311 -7.04 -2.66 -8.90
CA ALA A 311 -5.61 -2.44 -9.20
C ALA A 311 -4.77 -3.62 -8.71
N LEU A 312 -5.12 -4.15 -7.56
CA LEU A 312 -4.37 -5.25 -7.00
C LEU A 312 -4.59 -6.49 -7.84
N ASN A 313 -5.86 -6.75 -8.14
CA ASN A 313 -6.22 -7.93 -8.94
C ASN A 313 -5.55 -7.91 -10.30
N ASN A 314 -5.43 -6.74 -10.91
CA ASN A 314 -4.87 -6.70 -12.24
C ASN A 314 -3.51 -7.25 -12.19
N SER A 315 -2.85 -7.05 -11.07
CA SER A 315 -1.48 -7.55 -10.90
C SER A 315 -1.39 -8.98 -10.32
N THR A 316 -2.24 -9.31 -9.36
CA THR A 316 -2.14 -10.65 -8.75
C THR A 316 -2.70 -11.78 -9.64
N LEU A 317 -3.72 -11.46 -10.37
CA LEU A 317 -4.41 -12.42 -11.19
C LEU A 317 -3.58 -13.45 -11.95
N PRO A 318 -2.60 -13.02 -12.71
CA PRO A 318 -1.85 -14.00 -13.46
C PRO A 318 -1.17 -14.98 -12.51
N TYR A 319 -0.85 -14.54 -11.31
CA TYR A 319 -0.23 -15.41 -10.34
C TYR A 319 -1.24 -16.32 -9.75
N VAL A 320 -2.43 -15.81 -9.53
CA VAL A 320 -3.50 -16.64 -8.98
C VAL A 320 -3.79 -17.78 -9.96
N VAL A 321 -3.84 -17.45 -11.23
CA VAL A 321 -4.12 -18.45 -12.24
C VAL A 321 -3.06 -19.53 -12.35
N LYS A 322 -1.80 -19.11 -12.35
CA LYS A 322 -0.66 -20.04 -12.39
C LYS A 322 -0.75 -21.02 -11.20
N LEU A 323 -1.10 -20.52 -10.02
CA LEU A 323 -1.16 -21.35 -8.83
C LEU A 323 -2.29 -22.33 -8.91
N ALA A 324 -3.43 -21.87 -9.40
CA ALA A 324 -4.57 -22.72 -9.53
C ALA A 324 -4.29 -23.81 -10.56
N ASN A 325 -3.53 -23.47 -11.58
CA ASN A 325 -3.23 -24.45 -12.61
C ASN A 325 -2.18 -25.46 -12.21
N GLN A 326 -1.02 -24.97 -11.80
CA GLN A 326 0.12 -25.83 -11.49
C GLN A 326 0.31 -26.09 -10.01
N GLY A 327 -0.55 -25.51 -9.19
CA GLY A 327 -0.42 -25.68 -7.76
C GLY A 327 1.02 -25.37 -7.33
N LEU A 328 1.59 -26.23 -6.50
CA LEU A 328 2.92 -26.00 -5.98
C LEU A 328 4.06 -25.98 -6.99
N LYS A 329 3.85 -26.57 -8.15
CA LYS A 329 4.91 -26.62 -9.15
C LYS A 329 5.20 -25.25 -9.83
N ALA A 330 4.26 -24.31 -9.67
CA ALA A 330 4.42 -22.97 -10.21
C ALA A 330 5.65 -22.27 -9.61
N LEU A 331 5.93 -22.53 -8.34
CA LEU A 331 7.07 -21.92 -7.65
C LEU A 331 8.36 -22.41 -8.26
N GLU A 332 8.27 -23.53 -8.95
CA GLU A 332 9.41 -24.16 -9.61
C GLU A 332 9.53 -23.74 -11.06
N THR A 333 8.51 -23.05 -11.54
CA THR A 333 8.49 -22.52 -12.89
C THR A 333 8.63 -21.00 -12.81
N ASP A 334 8.06 -20.43 -11.74
CA ASP A 334 8.09 -18.98 -11.52
C ASP A 334 9.03 -18.56 -10.44
N ASP A 335 10.09 -17.85 -10.82
CA ASP A 335 11.09 -17.38 -9.89
C ASP A 335 10.54 -16.32 -8.97
N ALA A 336 9.66 -15.47 -9.52
CA ALA A 336 9.05 -14.37 -8.74
C ALA A 336 8.15 -14.95 -7.68
N LEU A 337 7.40 -15.98 -8.06
CA LEU A 337 6.52 -16.70 -7.17
C LEU A 337 7.33 -17.43 -6.12
N ALA A 338 8.40 -18.06 -6.55
CA ALA A 338 9.29 -18.77 -5.67
C ALA A 338 9.79 -17.80 -4.58
N LYS A 339 9.95 -16.52 -4.95
CA LYS A 339 10.42 -15.49 -4.02
C LYS A 339 9.33 -15.01 -3.05
N GLY A 340 8.08 -15.23 -3.42
CA GLY A 340 6.98 -14.84 -2.57
C GLY A 340 6.81 -15.85 -1.45
N LEU A 341 7.35 -17.05 -1.65
CA LEU A 341 7.21 -18.12 -0.65
C LEU A 341 7.85 -17.77 0.69
N ASN A 342 7.05 -17.82 1.73
CA ASN A 342 7.54 -17.44 3.03
C ASN A 342 7.60 -18.62 3.96
N VAL A 343 6.53 -19.41 3.95
CA VAL A 343 6.38 -20.57 4.83
C VAL A 343 5.85 -21.77 4.10
N GLN A 344 6.37 -22.94 4.44
CA GLN A 344 5.91 -24.17 3.83
C GLN A 344 6.25 -25.36 4.72
N ALA A 345 5.25 -26.19 4.97
CA ALA A 345 5.44 -27.39 5.77
C ALA A 345 6.21 -27.14 7.05
N HIS A 346 5.76 -26.18 7.83
CA HIS A 346 6.38 -25.92 9.11
C HIS A 346 7.74 -25.27 9.09
N ARG A 347 8.25 -24.99 7.90
CA ARG A 347 9.57 -24.35 7.82
C ARG A 347 9.49 -22.94 7.36
N LEU A 348 10.32 -22.08 7.95
CA LEU A 348 10.40 -20.68 7.56
C LEU A 348 11.41 -20.62 6.42
N VAL A 349 10.93 -20.31 5.22
CA VAL A 349 11.76 -20.34 4.01
C VAL A 349 12.32 -19.00 3.55
N HIS A 350 11.62 -17.93 3.84
CA HIS A 350 12.09 -16.65 3.40
C HIS A 350 13.29 -16.10 4.14
N PRO A 351 14.43 -16.04 3.44
CA PRO A 351 15.67 -15.56 4.00
C PRO A 351 15.55 -14.27 4.79
N ALA A 352 14.71 -13.37 4.32
CA ALA A 352 14.55 -12.09 4.97
C ALA A 352 13.90 -12.22 6.32
N VAL A 353 12.90 -13.10 6.39
CA VAL A 353 12.16 -13.31 7.62
C VAL A 353 13.01 -14.17 8.58
N GLN A 354 13.92 -14.94 7.99
CA GLN A 354 14.85 -15.77 8.75
C GLN A 354 15.81 -14.86 9.50
N GLN A 355 16.49 -13.97 8.79
CA GLN A 355 17.38 -13.05 9.45
C GLN A 355 16.70 -12.20 10.58
N VAL A 356 15.37 -12.23 10.63
CA VAL A 356 14.62 -11.49 11.66
C VAL A 356 14.24 -12.39 12.84
N PHE A 357 13.92 -13.66 12.52
CA PHE A 357 13.59 -14.65 13.54
C PHE A 357 14.59 -15.76 13.38
N PRO A 358 15.89 -15.40 13.48
CA PRO A 358 17.01 -16.34 13.27
C PRO A 358 16.89 -17.65 14.05
N ASP A 359 16.00 -17.63 15.02
CA ASP A 359 15.76 -18.79 15.86
C ASP A 359 14.54 -19.51 15.46
N LEU A 360 13.90 -19.04 14.40
CA LEU A 360 12.68 -19.66 13.93
C LEU A 360 13.01 -20.54 12.74
N ALA A 361 14.20 -20.28 12.19
CA ALA A 361 14.73 -21.01 11.03
C ALA A 361 15.39 -22.35 11.44
#